data_3R52
#
_entry.id   3R52
#
_cell.length_a   59.280
_cell.length_b   83.710
_cell.length_c   65.060
_cell.angle_alpha   90.00
_cell.angle_beta   112.76
_cell.angle_gamma   90.00
#
_symmetry.space_group_name_H-M   'P 1 21 1'
#
loop_
_entity.id
_entity.type
_entity.pdbx_description
1 polymer Ipomoelin
2 non-polymer 'methyl alpha-D-glucopyranoside'
3 non-polymer 'CADMIUM ION'
4 water water
#
_entity_poly.entity_id   1
_entity_poly.type   'polypeptide(L)'
_entity_poly.pdbx_seq_one_letter_code
;HHHHHHMALQLAAHSDARSGPVGSNGGQFWSFRPVRPLNKIVLSFSGSPDQTLNLISITFSSNPTDIITVGGVGPEPLTY
TETVNIDGDIIEISGMIANYKGYNVIRSIKFTTNKKEYGPYGANAGTPFNIKIPDGNKIVGFFGNSGWYVDAIGAYYTAK
;
_entity_poly.pdbx_strand_id   A,B,C,D
#
loop_
_chem_comp.id
_chem_comp.type
_chem_comp.name
_chem_comp.formula
CD non-polymer 'CADMIUM ION' 'Cd 2'
GYP D-saccharide 'methyl alpha-D-glucopyranoside' 'C7 H14 O6'
#
# COMPACT_ATOMS: atom_id res chain seq x y z
N LEU A 9 -17.47 4.34 16.42
CA LEU A 9 -16.06 3.89 16.62
C LEU A 9 -15.35 3.58 15.30
N GLN A 10 -14.21 4.21 15.10
CA GLN A 10 -13.42 3.97 13.91
C GLN A 10 -12.30 2.98 14.27
N LEU A 11 -12.54 1.70 14.01
CA LEU A 11 -11.54 0.68 14.32
C LEU A 11 -10.75 0.37 13.04
N ALA A 12 -9.54 0.92 12.98
CA ALA A 12 -8.69 0.76 11.81
C ALA A 12 -8.72 -0.63 11.18
N ALA A 13 -9.09 -0.69 9.91
CA ALA A 13 -9.12 -1.97 9.20
C ALA A 13 -7.68 -2.23 8.72
N HIS A 14 -7.35 -3.49 8.49
CA HIS A 14 -5.99 -3.85 8.06
C HIS A 14 -5.81 -4.18 6.57
N SER A 15 -4.56 -4.08 6.09
CA SER A 15 -4.18 -4.40 4.72
C SER A 15 -2.98 -5.34 4.80
N ASP A 16 -3.04 -6.47 4.09
CA ASP A 16 -1.95 -7.46 4.16
C ASP A 16 -0.63 -6.90 3.65
N ALA A 17 0.47 -7.44 4.20
CA ALA A 17 1.81 -7.08 3.78
C ALA A 17 1.94 -7.52 2.33
N ARG A 18 2.89 -6.93 1.61
CA ARG A 18 3.08 -7.29 0.20
C ARG A 18 4.54 -7.67 -0.08
N SER A 19 4.72 -8.52 -1.09
CA SER A 19 6.06 -8.92 -1.52
C SER A 19 6.13 -8.59 -3.03
N GLY A 20 7.11 -7.78 -3.41
CA GLY A 20 7.20 -7.38 -4.80
C GLY A 20 6.58 -5.99 -4.94
N PRO A 21 6.13 -5.65 -6.15
CA PRO A 21 6.17 -6.50 -7.33
C PRO A 21 7.52 -6.58 -8.01
N VAL A 22 7.62 -7.54 -8.92
CA VAL A 22 8.81 -7.74 -9.71
C VAL A 22 8.38 -7.70 -11.17
N GLY A 23 9.27 -7.23 -12.04
CA GLY A 23 8.95 -7.13 -13.45
C GLY A 23 9.10 -5.70 -13.95
N SER A 24 8.12 -5.23 -14.72
CA SER A 24 8.19 -3.88 -15.27
C SER A 24 6.88 -3.14 -15.16
N ASN A 25 6.98 -1.82 -15.15
CA ASN A 25 5.80 -0.98 -15.09
C ASN A 25 4.93 -1.30 -16.30
N GLY A 26 3.62 -1.36 -16.08
CA GLY A 26 2.71 -1.65 -17.17
C GLY A 26 1.58 -0.65 -17.22
N GLY A 27 0.83 -0.69 -18.30
CA GLY A 27 -0.28 0.23 -18.44
C GLY A 27 -1.21 0.29 -17.25
N GLN A 28 -1.71 -0.86 -16.80
CA GLN A 28 -2.66 -0.86 -15.69
C GLN A 28 -2.23 -1.60 -14.44
N PHE A 29 -2.54 -1.02 -13.27
CA PHE A 29 -2.27 -1.71 -12.01
C PHE A 29 -3.47 -2.68 -11.81
N TRP A 30 -3.22 -3.87 -11.27
CA TRP A 30 -4.32 -4.80 -11.01
C TRP A 30 -4.10 -5.45 -9.64
N SER A 31 -5.19 -5.84 -8.99
CA SER A 31 -5.11 -6.50 -7.68
C SER A 31 -6.26 -7.50 -7.54
N PHE A 32 -5.99 -8.63 -6.87
CA PHE A 32 -6.98 -9.69 -6.65
C PHE A 32 -6.62 -10.43 -5.38
N ARG A 33 -7.31 -10.11 -4.30
CA ARG A 33 -7.04 -10.77 -3.01
C ARG A 33 -8.40 -11.25 -2.54
N PRO A 34 -8.77 -12.50 -2.90
CA PRO A 34 -10.07 -13.09 -2.51
C PRO A 34 -10.13 -13.48 -1.05
N VAL A 35 -11.35 -13.54 -0.51
CA VAL A 35 -11.52 -13.85 0.90
C VAL A 35 -11.36 -15.35 1.18
N ARG A 36 -11.49 -16.16 0.14
CA ARG A 36 -11.31 -17.61 0.25
C ARG A 36 -9.98 -17.95 -0.40
N PRO A 37 -9.44 -19.13 -0.11
CA PRO A 37 -8.15 -19.53 -0.70
C PRO A 37 -8.16 -19.62 -2.24
N LEU A 38 -7.01 -19.32 -2.83
CA LEU A 38 -6.86 -19.42 -4.26
C LEU A 38 -6.81 -20.91 -4.55
N ASN A 39 -7.48 -21.36 -5.59
CA ASN A 39 -7.47 -22.79 -5.88
C ASN A 39 -7.22 -23.11 -7.33
N LYS A 40 -7.34 -22.13 -8.20
CA LYS A 40 -7.11 -22.40 -9.62
C LYS A 40 -6.46 -21.23 -10.34
N ILE A 41 -5.50 -21.55 -11.21
CA ILE A 41 -4.76 -20.55 -11.96
C ILE A 41 -4.61 -21.02 -13.40
N VAL A 42 -5.08 -20.20 -14.34
CA VAL A 42 -4.99 -20.56 -15.74
C VAL A 42 -4.09 -19.58 -16.47
N LEU A 43 -3.11 -20.14 -17.16
CA LEU A 43 -2.13 -19.36 -17.91
C LEU A 43 -2.43 -19.52 -19.40
N SER A 44 -2.43 -18.41 -20.12
CA SER A 44 -2.71 -18.43 -21.56
C SER A 44 -1.48 -17.95 -22.33
N PHE A 45 -1.16 -18.69 -23.38
CA PHE A 45 0.04 -18.45 -24.20
C PHE A 45 -0.20 -18.39 -25.69
N SER A 46 0.79 -17.86 -26.41
CA SER A 46 0.77 -17.90 -27.88
C SER A 46 1.99 -18.80 -28.09
N GLY A 47 2.31 -19.12 -29.32
CA GLY A 47 3.42 -20.01 -29.53
C GLY A 47 2.84 -21.42 -29.46
N SER A 48 3.63 -22.38 -28.99
CA SER A 48 3.16 -23.75 -28.89
C SER A 48 4.09 -24.49 -27.93
N PRO A 49 3.54 -25.47 -27.20
CA PRO A 49 4.23 -26.31 -26.21
C PRO A 49 5.37 -27.16 -26.77
N ASP A 50 5.34 -27.41 -28.08
CA ASP A 50 6.38 -28.18 -28.75
C ASP A 50 7.60 -27.32 -29.02
N GLN A 51 7.41 -26.01 -29.06
CA GLN A 51 8.50 -25.07 -29.31
C GLN A 51 8.64 -24.08 -28.18
N THR A 52 8.17 -22.86 -28.38
CA THR A 52 8.27 -21.84 -27.33
C THR A 52 6.92 -21.25 -26.98
N LEU A 53 6.63 -21.19 -25.68
CA LEU A 53 5.36 -20.63 -25.21
C LEU A 53 5.55 -19.19 -24.74
N ASN A 54 4.69 -18.31 -25.25
CA ASN A 54 4.73 -16.90 -24.93
C ASN A 54 3.57 -16.58 -23.98
N LEU A 55 3.90 -16.29 -22.73
CA LEU A 55 2.90 -15.98 -21.73
C LEU A 55 2.22 -14.65 -22.06
N ILE A 56 0.90 -14.70 -22.21
CA ILE A 56 0.10 -13.53 -22.56
C ILE A 56 -0.77 -13.05 -21.42
N SER A 57 -1.47 -13.99 -20.77
CA SER A 57 -2.35 -13.62 -19.66
C SER A 57 -2.41 -14.71 -18.59
N ILE A 58 -2.86 -14.31 -17.39
CA ILE A 58 -2.99 -15.19 -16.25
C ILE A 58 -4.40 -14.97 -15.65
N THR A 59 -5.07 -16.07 -15.34
CA THR A 59 -6.38 -16.02 -14.71
C THR A 59 -6.27 -16.66 -13.33
N PHE A 60 -6.65 -15.90 -12.30
CA PHE A 60 -6.64 -16.33 -10.89
C PHE A 60 -8.08 -16.51 -10.43
N SER A 61 -8.36 -17.56 -9.68
CA SER A 61 -9.73 -17.74 -9.22
C SER A 61 -9.82 -18.44 -7.87
N SER A 62 -10.96 -18.24 -7.23
CA SER A 62 -11.24 -18.84 -5.93
C SER A 62 -12.68 -19.33 -5.92
N ASN A 63 -12.88 -20.62 -5.64
CA ASN A 63 -14.23 -21.15 -5.60
C ASN A 63 -14.95 -20.67 -4.35
N PRO A 64 -16.22 -20.30 -4.49
CA PRO A 64 -16.93 -20.33 -5.77
C PRO A 64 -16.80 -18.96 -6.45
N THR A 65 -16.95 -18.92 -7.76
CA THR A 65 -16.84 -17.65 -8.49
C THR A 65 -15.49 -16.97 -8.18
N ASP A 66 -15.48 -15.66 -7.99
CA ASP A 66 -14.23 -14.96 -7.71
C ASP A 66 -13.14 -15.33 -8.72
N ILE A 67 -13.00 -14.50 -9.75
CA ILE A 67 -12.00 -14.72 -10.78
C ILE A 67 -11.56 -13.42 -11.45
N ILE A 68 -10.35 -13.41 -11.98
CA ILE A 68 -9.84 -12.23 -12.64
C ILE A 68 -8.83 -12.65 -13.69
N THR A 69 -8.76 -11.89 -14.77
CA THR A 69 -7.77 -12.19 -15.79
C THR A 69 -6.94 -10.94 -16.02
N VAL A 70 -5.62 -11.10 -16.04
CA VAL A 70 -4.74 -9.95 -16.26
C VAL A 70 -3.85 -10.25 -17.46
N GLY A 71 -3.66 -9.22 -18.28
CA GLY A 71 -2.91 -9.38 -19.51
C GLY A 71 -3.94 -9.82 -20.53
N GLY A 72 -3.49 -10.06 -21.77
CA GLY A 72 -4.37 -10.53 -22.82
C GLY A 72 -5.36 -9.55 -23.45
N VAL A 73 -5.16 -8.25 -23.24
CA VAL A 73 -6.04 -7.25 -23.80
C VAL A 73 -5.74 -6.90 -25.26
N GLY A 74 -4.63 -7.41 -25.76
CA GLY A 74 -4.21 -7.15 -27.12
C GLY A 74 -4.79 -8.05 -28.18
N PRO A 75 -4.40 -7.82 -29.44
CA PRO A 75 -4.91 -8.62 -30.55
C PRO A 75 -4.27 -9.98 -30.81
N GLU A 76 -3.14 -10.27 -30.16
CA GLU A 76 -2.47 -11.55 -30.41
C GLU A 76 -3.34 -12.74 -30.02
N PRO A 77 -3.64 -13.63 -30.98
CA PRO A 77 -4.47 -14.82 -30.72
C PRO A 77 -3.78 -15.77 -29.74
N LEU A 78 -4.57 -16.38 -28.84
CA LEU A 78 -4.03 -17.32 -27.89
C LEU A 78 -3.99 -18.69 -28.57
N THR A 79 -2.99 -19.49 -28.28
CA THR A 79 -2.87 -20.79 -28.93
C THR A 79 -2.69 -21.95 -27.98
N TYR A 80 -2.59 -21.67 -26.69
CA TYR A 80 -2.41 -22.74 -25.71
C TYR A 80 -2.74 -22.23 -24.32
N THR A 81 -3.10 -23.15 -23.43
CA THR A 81 -3.44 -22.82 -22.05
C THR A 81 -3.14 -23.98 -21.12
N GLU A 82 -2.70 -23.64 -19.91
CA GLU A 82 -2.36 -24.64 -18.89
C GLU A 82 -3.06 -24.28 -17.57
N THR A 83 -3.86 -25.20 -17.05
CA THR A 83 -4.60 -25.00 -15.81
C THR A 83 -3.88 -25.61 -14.63
N VAL A 84 -3.66 -24.79 -13.62
CA VAL A 84 -2.97 -25.21 -12.41
C VAL A 84 -3.99 -25.30 -11.29
N ASN A 85 -4.20 -26.51 -10.79
CA ASN A 85 -5.15 -26.71 -9.71
C ASN A 85 -4.35 -26.64 -8.43
N ILE A 86 -4.46 -25.53 -7.72
CA ILE A 86 -3.70 -25.33 -6.50
C ILE A 86 -4.10 -26.22 -5.35
N ASP A 87 -3.17 -27.07 -4.94
CA ASP A 87 -3.37 -27.96 -3.81
C ASP A 87 -2.52 -27.44 -2.64
N GLY A 88 -3.19 -26.87 -1.64
CA GLY A 88 -2.47 -26.36 -0.50
C GLY A 88 -2.29 -24.86 -0.48
N ASP A 89 -1.44 -24.38 0.43
CA ASP A 89 -1.18 -22.96 0.55
C ASP A 89 0.04 -22.57 -0.27
N ILE A 90 -0.10 -21.52 -1.09
CA ILE A 90 1.00 -21.05 -1.92
C ILE A 90 1.97 -20.33 -0.99
N ILE A 91 3.24 -20.69 -1.03
CA ILE A 91 4.22 -20.03 -0.16
C ILE A 91 5.27 -19.30 -0.99
N GLU A 92 5.29 -19.56 -2.28
CA GLU A 92 6.25 -18.84 -3.14
C GLU A 92 6.01 -18.96 -4.61
N ILE A 93 6.44 -17.93 -5.33
CA ILE A 93 6.34 -18.00 -6.76
C ILE A 93 7.69 -17.52 -7.29
N SER A 94 8.06 -18.04 -8.45
CA SER A 94 9.30 -17.69 -9.09
C SER A 94 9.09 -17.84 -10.58
N GLY A 95 10.04 -17.32 -11.33
CA GLY A 95 9.95 -17.41 -12.77
C GLY A 95 11.06 -16.64 -13.46
N MET A 96 10.82 -16.29 -14.72
CA MET A 96 11.79 -15.57 -15.51
C MET A 96 11.15 -14.35 -16.18
N ILE A 97 11.96 -13.32 -16.39
CA ILE A 97 11.52 -12.11 -17.07
C ILE A 97 12.41 -11.97 -18.28
N ALA A 98 11.79 -11.77 -19.44
CA ALA A 98 12.52 -11.61 -20.70
C ALA A 98 11.71 -10.63 -21.56
N ASN A 99 12.31 -10.17 -22.66
CA ASN A 99 11.65 -9.23 -23.52
C ASN A 99 10.71 -9.95 -24.47
N TYR A 100 9.64 -9.28 -24.87
CA TYR A 100 8.71 -9.89 -25.81
C TYR A 100 8.01 -8.77 -26.57
N LYS A 101 8.25 -8.74 -27.87
CA LYS A 101 7.65 -7.74 -28.74
C LYS A 101 7.88 -6.33 -28.23
N GLY A 102 9.07 -6.07 -27.71
CA GLY A 102 9.42 -4.75 -27.25
C GLY A 102 9.36 -4.46 -25.77
N TYR A 103 8.61 -5.26 -25.03
CA TYR A 103 8.48 -5.06 -23.57
C TYR A 103 9.07 -6.21 -22.76
N ASN A 104 9.48 -5.92 -21.54
CA ASN A 104 9.99 -6.95 -20.64
C ASN A 104 8.80 -7.32 -19.81
N VAL A 105 8.44 -8.60 -19.86
CA VAL A 105 7.28 -9.09 -19.15
C VAL A 105 7.57 -10.41 -18.49
N ILE A 106 6.60 -10.89 -17.71
CA ILE A 106 6.69 -12.18 -17.05
C ILE A 106 6.64 -13.23 -18.18
N ARG A 107 7.70 -14.02 -18.33
CA ARG A 107 7.81 -15.03 -19.38
C ARG A 107 7.61 -16.46 -18.86
N SER A 108 7.88 -16.68 -17.59
CA SER A 108 7.68 -17.99 -16.97
C SER A 108 7.26 -17.81 -15.54
N ILE A 109 6.57 -18.81 -15.01
CA ILE A 109 6.11 -18.74 -13.66
C ILE A 109 5.93 -20.14 -13.04
N LYS A 110 6.27 -20.23 -11.75
CA LYS A 110 6.17 -21.45 -10.96
C LYS A 110 5.56 -21.13 -9.59
N PHE A 111 4.61 -21.97 -9.19
CA PHE A 111 3.91 -21.80 -7.94
C PHE A 111 4.35 -22.94 -7.02
N THR A 112 4.75 -22.59 -5.81
CA THR A 112 5.21 -23.58 -4.84
C THR A 112 4.32 -23.54 -3.61
N THR A 113 3.79 -24.71 -3.23
CA THR A 113 2.98 -24.83 -2.05
C THR A 113 3.74 -25.82 -1.22
N ASN A 114 3.39 -25.94 0.05
CA ASN A 114 4.06 -26.90 0.92
C ASN A 114 3.85 -28.33 0.40
N LYS A 115 2.71 -28.56 -0.26
CA LYS A 115 2.41 -29.87 -0.80
C LYS A 115 3.13 -30.20 -2.10
N LYS A 116 3.25 -29.23 -3.00
CA LYS A 116 3.94 -29.50 -4.26
C LYS A 116 4.37 -28.29 -5.08
N GLU A 117 5.05 -28.56 -6.17
CA GLU A 117 5.52 -27.53 -7.08
C GLU A 117 4.80 -27.67 -8.40
N TYR A 118 4.44 -26.52 -8.97
CA TYR A 118 3.70 -26.45 -10.23
C TYR A 118 4.47 -25.54 -11.15
N GLY A 119 5.01 -26.11 -12.23
CA GLY A 119 5.76 -25.29 -13.17
C GLY A 119 7.23 -25.62 -13.10
N PRO A 120 8.09 -24.76 -13.68
CA PRO A 120 7.72 -23.53 -14.35
C PRO A 120 6.88 -23.78 -15.61
N TYR A 121 5.99 -22.84 -15.87
CA TYR A 121 5.14 -22.86 -17.05
C TYR A 121 5.60 -21.70 -17.92
N GLY A 122 5.63 -21.90 -19.24
CA GLY A 122 6.03 -20.83 -20.14
C GLY A 122 7.36 -21.06 -20.81
N ALA A 123 8.17 -20.01 -20.86
CA ALA A 123 9.49 -20.10 -21.48
C ALA A 123 10.53 -19.84 -20.43
N ASN A 124 11.33 -20.86 -20.17
CA ASN A 124 12.41 -20.82 -19.19
C ASN A 124 13.68 -20.12 -19.69
N ALA A 125 13.64 -18.79 -19.79
CA ALA A 125 14.78 -18.02 -20.24
C ALA A 125 14.58 -16.57 -19.86
N GLY A 126 15.67 -15.87 -19.56
CA GLY A 126 15.56 -14.48 -19.17
C GLY A 126 16.16 -14.24 -17.78
N THR A 127 15.64 -13.22 -17.11
CA THR A 127 16.06 -12.82 -15.76
C THR A 127 15.15 -13.46 -14.71
N PRO A 128 15.74 -14.20 -13.76
CA PRO A 128 14.91 -14.85 -12.74
C PRO A 128 14.39 -13.97 -11.63
N PHE A 129 13.16 -14.21 -11.21
CA PHE A 129 12.65 -13.44 -10.06
C PHE A 129 12.29 -14.47 -9.03
N ASN A 130 12.02 -14.03 -7.82
CA ASN A 130 11.68 -14.98 -6.78
C ASN A 130 10.89 -14.27 -5.67
N ILE A 131 9.63 -14.66 -5.51
CA ILE A 131 8.79 -14.08 -4.50
C ILE A 131 8.65 -15.05 -3.33
N LYS A 132 9.36 -14.75 -2.25
CA LYS A 132 9.34 -15.56 -1.05
C LYS A 132 8.70 -14.73 0.06
N ILE A 133 8.14 -15.41 1.05
CA ILE A 133 7.52 -14.71 2.17
C ILE A 133 8.13 -15.27 3.47
N PRO A 134 7.85 -14.62 4.61
CA PRO A 134 8.42 -15.11 5.87
C PRO A 134 7.81 -16.45 6.22
N ASP A 135 8.58 -17.29 6.93
CA ASP A 135 8.08 -18.61 7.32
C ASP A 135 6.83 -18.47 8.19
N GLY A 136 5.88 -19.38 8.01
CA GLY A 136 4.66 -19.30 8.80
C GLY A 136 3.56 -18.47 8.11
N ASN A 137 3.89 -17.86 6.97
CA ASN A 137 2.91 -17.06 6.22
C ASN A 137 2.50 -17.78 4.96
N LYS A 138 1.47 -17.25 4.31
CA LYS A 138 0.99 -17.80 3.05
C LYS A 138 0.55 -16.67 2.13
N ILE A 139 0.64 -16.92 0.85
CA ILE A 139 0.24 -15.95 -0.16
C ILE A 139 -1.27 -16.06 -0.30
N VAL A 140 -1.98 -14.95 -0.10
CA VAL A 140 -3.43 -14.92 -0.18
C VAL A 140 -4.02 -14.10 -1.32
N GLY A 141 -3.14 -13.53 -2.15
CA GLY A 141 -3.57 -12.74 -3.29
C GLY A 141 -2.38 -12.33 -4.15
N PHE A 142 -2.65 -11.74 -5.30
CA PHE A 142 -1.58 -11.28 -6.17
C PHE A 142 -1.98 -9.88 -6.67
N PHE A 143 -0.99 -9.12 -7.13
CA PHE A 143 -1.25 -7.79 -7.70
C PHE A 143 -0.13 -7.52 -8.69
N GLY A 144 -0.26 -6.46 -9.48
CA GLY A 144 0.80 -6.16 -10.44
C GLY A 144 0.43 -5.11 -11.47
N ASN A 145 1.09 -5.18 -12.63
CA ASN A 145 0.83 -4.27 -13.77
C ASN A 145 0.67 -5.21 -14.96
N SER A 146 -0.11 -4.80 -15.94
CA SER A 146 -0.32 -5.59 -17.13
C SER A 146 -0.91 -4.70 -18.22
N GLY A 147 -0.91 -5.23 -19.44
CA GLY A 147 -1.46 -4.55 -20.59
C GLY A 147 -1.75 -5.65 -21.57
N TRP A 148 -1.00 -5.71 -22.66
CA TRP A 148 -1.21 -6.80 -23.59
C TRP A 148 -0.69 -8.08 -22.95
N TYR A 149 0.35 -7.94 -22.11
CA TYR A 149 0.97 -9.07 -21.42
C TYR A 149 1.03 -8.83 -19.92
N VAL A 150 1.63 -9.77 -19.20
CA VAL A 150 1.77 -9.59 -17.76
C VAL A 150 3.14 -8.93 -17.55
N ASP A 151 3.11 -7.65 -17.20
CA ASP A 151 4.30 -6.83 -17.00
C ASP A 151 4.99 -6.96 -15.65
N ALA A 152 4.18 -6.99 -14.61
CA ALA A 152 4.72 -7.12 -13.27
C ALA A 152 3.75 -7.90 -12.39
N ILE A 153 4.33 -8.58 -11.39
CA ILE A 153 3.56 -9.36 -10.43
C ILE A 153 4.21 -9.27 -9.04
N GLY A 154 3.32 -9.25 -8.04
CA GLY A 154 3.64 -9.19 -6.63
C GLY A 154 2.57 -9.97 -5.87
N ALA A 155 2.80 -10.23 -4.59
CA ALA A 155 1.86 -11.02 -3.79
C ALA A 155 1.47 -10.46 -2.43
N TYR A 156 0.27 -10.81 -1.97
CA TYR A 156 -0.23 -10.42 -0.65
C TYR A 156 -0.01 -11.63 0.23
N TYR A 157 0.44 -11.41 1.46
CA TYR A 157 0.64 -12.51 2.39
C TYR A 157 0.23 -12.22 3.82
N THR A 158 -0.08 -13.28 4.55
CA THR A 158 -0.50 -13.15 5.93
C THR A 158 -0.13 -14.40 6.72
N ALA A 159 -0.38 -14.38 8.03
CA ALA A 159 -0.05 -15.54 8.88
C ALA A 159 -0.96 -16.73 8.57
N LYS A 160 -0.38 -17.92 8.44
CA LYS A 160 -1.16 -19.11 8.15
C LYS A 160 -2.01 -19.55 9.34
N ALA B 8 17.20 -8.20 -17.02
CA ALA B 8 16.41 -7.18 -17.74
C ALA B 8 16.36 -5.93 -16.88
N LEU B 9 16.08 -4.78 -17.50
CA LEU B 9 15.99 -3.53 -16.75
C LEU B 9 14.88 -3.59 -15.69
N GLN B 10 15.20 -3.20 -14.46
CA GLN B 10 14.16 -3.19 -13.41
C GLN B 10 13.43 -1.85 -13.45
N LEU B 11 12.40 -1.79 -14.30
CA LEU B 11 11.59 -0.59 -14.46
C LEU B 11 10.46 -0.68 -13.43
N ALA B 12 10.59 0.09 -12.34
CA ALA B 12 9.62 0.09 -11.23
C ALA B 12 8.15 0.09 -11.64
N ALA B 13 7.39 -0.88 -11.12
CA ALA B 13 5.97 -1.01 -11.41
C ALA B 13 5.15 -0.14 -10.44
N HIS B 14 4.01 0.37 -10.88
CA HIS B 14 3.19 1.23 -10.02
C HIS B 14 1.95 0.59 -9.38
N SER B 15 1.54 1.17 -8.24
CA SER B 15 0.35 0.76 -7.49
C SER B 15 -0.52 2.01 -7.33
N ASP B 16 -1.82 1.88 -7.61
CA ASP B 16 -2.75 3.01 -7.56
C ASP B 16 -2.93 3.59 -6.18
N ALA B 17 -3.26 4.88 -6.15
CA ALA B 17 -3.51 5.61 -4.91
C ALA B 17 -4.76 5.00 -4.31
N ARG B 18 -4.96 5.22 -3.02
CA ARG B 18 -6.10 4.67 -2.32
C ARG B 18 -6.82 5.73 -1.49
N SER B 19 -8.13 5.51 -1.33
CA SER B 19 -8.97 6.39 -0.53
C SER B 19 -9.69 5.44 0.44
N GLY B 20 -9.47 5.65 1.73
CA GLY B 20 -10.05 4.80 2.76
C GLY B 20 -9.00 3.85 3.33
N PRO B 21 -9.41 2.71 3.90
CA PRO B 21 -10.80 2.26 4.02
C PRO B 21 -11.56 2.92 5.16
N VAL B 22 -12.87 2.74 5.15
CA VAL B 22 -13.76 3.24 6.19
C VAL B 22 -14.54 2.03 6.71
N GLY B 23 -15.05 2.11 7.93
CA GLY B 23 -15.78 1.00 8.52
C GLY B 23 -14.94 0.44 9.65
N SER B 24 -14.82 -0.88 9.77
CA SER B 24 -14.00 -1.42 10.84
C SER B 24 -13.24 -2.70 10.47
N ASN B 25 -12.28 -3.08 11.31
CA ASN B 25 -11.48 -4.25 11.03
C ASN B 25 -12.33 -5.53 10.86
N GLY B 26 -11.95 -6.34 9.89
CA GLY B 26 -12.68 -7.58 9.63
C GLY B 26 -11.64 -8.67 9.51
N GLY B 27 -12.05 -9.92 9.74
CA GLY B 27 -11.09 -11.00 9.67
C GLY B 27 -10.23 -11.06 8.42
N GLN B 28 -10.81 -10.89 7.24
CA GLN B 28 -10.01 -10.98 6.01
C GLN B 28 -9.91 -9.68 5.22
N PHE B 29 -8.70 -9.43 4.74
CA PHE B 29 -8.43 -8.28 3.87
C PHE B 29 -8.80 -8.73 2.46
N TRP B 30 -9.39 -7.85 1.67
CA TRP B 30 -9.76 -8.20 0.30
C TRP B 30 -9.47 -7.04 -0.66
N SER B 31 -9.29 -7.39 -1.93
CA SER B 31 -8.99 -6.38 -2.94
C SER B 31 -9.39 -6.87 -4.30
N PHE B 32 -9.91 -5.95 -5.11
CA PHE B 32 -10.34 -6.24 -6.49
C PHE B 32 -10.13 -4.97 -7.34
N ARG B 33 -9.19 -5.03 -8.28
CA ARG B 33 -8.86 -3.90 -9.13
C ARG B 33 -8.61 -4.55 -10.50
N PRO B 34 -9.67 -4.65 -11.30
CA PRO B 34 -9.67 -5.24 -12.65
C PRO B 34 -9.03 -4.27 -13.63
N VAL B 35 -8.55 -4.78 -14.75
CA VAL B 35 -7.89 -3.93 -15.73
C VAL B 35 -8.89 -3.18 -16.56
N ARG B 36 -10.07 -3.74 -16.71
CA ARG B 36 -11.12 -3.08 -17.46
C ARG B 36 -12.04 -2.38 -16.49
N PRO B 37 -12.88 -1.48 -17.00
CA PRO B 37 -13.80 -0.75 -16.13
C PRO B 37 -14.73 -1.64 -15.32
N LEU B 38 -15.04 -1.18 -14.11
CA LEU B 38 -15.96 -1.91 -13.26
C LEU B 38 -17.31 -1.53 -13.86
N ASN B 39 -18.16 -2.51 -14.14
CA ASN B 39 -19.45 -2.19 -14.74
C ASN B 39 -20.69 -2.75 -14.04
N LYS B 40 -20.49 -3.58 -13.03
CA LYS B 40 -21.64 -4.16 -12.35
C LYS B 40 -21.39 -4.46 -10.86
N ILE B 41 -22.37 -4.11 -10.04
CA ILE B 41 -22.29 -4.34 -8.61
C ILE B 41 -23.59 -4.96 -8.10
N VAL B 42 -23.48 -6.08 -7.40
CA VAL B 42 -24.63 -6.77 -6.83
C VAL B 42 -24.53 -6.80 -5.32
N LEU B 43 -25.46 -6.13 -4.67
CA LEU B 43 -25.48 -6.08 -3.20
C LEU B 43 -26.48 -7.11 -2.65
N SER B 44 -26.06 -7.98 -1.74
CA SER B 44 -26.99 -8.97 -1.20
C SER B 44 -27.32 -8.70 0.27
N PHE B 45 -28.62 -8.74 0.56
CA PHE B 45 -29.19 -8.46 1.87
C PHE B 45 -30.04 -9.58 2.43
N SER B 46 -30.31 -9.46 3.73
CA SER B 46 -31.19 -10.36 4.47
C SER B 46 -32.26 -9.36 4.88
N GLY B 47 -33.44 -9.84 5.25
CA GLY B 47 -34.54 -8.96 5.60
C GLY B 47 -35.31 -8.61 4.32
N SER B 48 -36.05 -7.50 4.37
CA SER B 48 -36.84 -7.08 3.21
C SER B 48 -36.87 -5.57 3.12
N PRO B 49 -37.10 -5.04 1.90
CA PRO B 49 -37.15 -3.60 1.68
C PRO B 49 -38.36 -2.91 2.30
N ASP B 50 -39.38 -3.69 2.66
CA ASP B 50 -40.58 -3.14 3.30
C ASP B 50 -40.37 -3.09 4.82
N GLN B 51 -39.22 -3.58 5.27
CA GLN B 51 -38.87 -3.56 6.69
C GLN B 51 -37.46 -3.05 6.80
N THR B 52 -36.54 -3.90 7.28
CA THR B 52 -35.15 -3.49 7.39
C THR B 52 -34.18 -4.36 6.56
N LEU B 53 -33.32 -3.71 5.77
CA LEU B 53 -32.34 -4.43 4.95
C LEU B 53 -30.98 -4.57 5.65
N ASN B 54 -30.45 -5.79 5.64
CA ASN B 54 -29.17 -6.10 6.27
C ASN B 54 -28.16 -6.55 5.24
N LEU B 55 -27.30 -5.61 4.86
CA LEU B 55 -26.27 -5.87 3.85
C LEU B 55 -25.32 -6.96 4.36
N ILE B 56 -25.21 -8.01 3.56
CA ILE B 56 -24.38 -9.18 3.91
C ILE B 56 -23.15 -9.26 3.03
N SER B 57 -23.34 -9.13 1.72
CA SER B 57 -22.24 -9.22 0.79
C SER B 57 -22.39 -8.31 -0.42
N ILE B 58 -21.24 -8.04 -1.06
CA ILE B 58 -21.20 -7.20 -2.25
C ILE B 58 -20.42 -8.00 -3.30
N THR B 59 -20.88 -7.92 -4.53
CA THR B 59 -20.23 -8.58 -5.64
C THR B 59 -19.86 -7.49 -6.64
N PHE B 60 -18.57 -7.47 -7.02
CA PHE B 60 -18.05 -6.52 -7.99
C PHE B 60 -17.66 -7.29 -9.25
N SER B 61 -18.00 -6.75 -10.42
CA SER B 61 -17.66 -7.42 -11.65
C SER B 61 -17.27 -6.45 -12.76
N SER B 62 -16.40 -6.94 -13.63
CA SER B 62 -15.90 -6.17 -14.77
C SER B 62 -16.03 -7.12 -15.94
N ASN B 63 -16.84 -6.73 -16.93
CA ASN B 63 -17.09 -7.54 -18.12
C ASN B 63 -17.23 -9.01 -17.71
N PRO B 64 -17.20 -9.95 -18.68
CA PRO B 64 -17.33 -11.33 -18.22
C PRO B 64 -16.07 -11.78 -17.53
N THR B 65 -16.18 -12.89 -16.80
CA THR B 65 -15.09 -13.51 -16.07
C THR B 65 -14.59 -12.74 -14.84
N ASP B 66 -14.27 -11.45 -14.98
CA ASP B 66 -13.78 -10.68 -13.82
C ASP B 66 -14.85 -10.44 -12.76
N ILE B 67 -14.72 -11.08 -11.61
CA ILE B 67 -15.73 -10.94 -10.57
C ILE B 67 -15.25 -11.33 -9.19
N ILE B 68 -15.85 -10.73 -8.18
CA ILE B 68 -15.48 -11.04 -6.81
C ILE B 68 -16.63 -10.79 -5.82
N THR B 69 -16.73 -11.64 -4.80
CA THR B 69 -17.77 -11.54 -3.77
C THR B 69 -17.12 -11.43 -2.40
N VAL B 70 -17.46 -10.38 -1.67
CA VAL B 70 -16.88 -10.16 -0.34
C VAL B 70 -18.00 -10.10 0.70
N GLY B 71 -17.78 -10.72 1.86
CA GLY B 71 -18.80 -10.81 2.90
C GLY B 71 -19.67 -12.02 2.54
N GLY B 72 -20.64 -12.35 3.37
CA GLY B 72 -21.53 -13.46 3.04
C GLY B 72 -20.98 -14.87 3.20
N VAL B 73 -20.03 -15.07 4.10
CA VAL B 73 -19.47 -16.40 4.30
C VAL B 73 -20.19 -17.12 5.43
N GLY B 74 -21.07 -16.38 6.12
CA GLY B 74 -21.82 -16.96 7.22
C GLY B 74 -23.06 -17.74 6.79
N PRO B 75 -23.87 -18.18 7.77
CA PRO B 75 -25.09 -18.96 7.51
C PRO B 75 -26.36 -18.17 7.17
N GLU B 76 -26.37 -16.87 7.42
CA GLU B 76 -27.57 -16.10 7.16
C GLU B 76 -27.98 -16.11 5.69
N PRO B 77 -29.16 -16.65 5.39
CA PRO B 77 -29.69 -16.72 4.03
C PRO B 77 -29.86 -15.35 3.40
N LEU B 78 -29.63 -15.24 2.09
CA LEU B 78 -29.81 -13.95 1.39
C LEU B 78 -31.27 -13.94 0.94
N THR B 79 -31.96 -12.82 1.14
CA THR B 79 -33.37 -12.72 0.76
C THR B 79 -33.72 -11.52 -0.13
N TYR B 80 -32.70 -10.81 -0.61
CA TYR B 80 -32.96 -9.64 -1.46
C TYR B 80 -31.68 -9.14 -2.12
N THR B 81 -31.64 -9.16 -3.44
CA THR B 81 -30.44 -8.67 -4.08
C THR B 81 -30.74 -7.42 -4.91
N GLU B 82 -29.77 -6.51 -4.95
CA GLU B 82 -29.88 -5.27 -5.71
C GLU B 82 -28.73 -5.24 -6.72
N THR B 83 -29.07 -5.17 -7.99
CA THR B 83 -28.08 -5.14 -9.06
C THR B 83 -27.88 -3.75 -9.61
N VAL B 84 -26.63 -3.30 -9.58
CA VAL B 84 -26.27 -1.98 -10.06
C VAL B 84 -25.46 -2.12 -11.35
N ASN B 85 -25.96 -1.52 -12.43
CA ASN B 85 -25.24 -1.54 -13.69
C ASN B 85 -24.62 -0.15 -13.86
N ILE B 86 -23.32 -0.04 -13.60
CA ILE B 86 -22.62 1.24 -13.66
C ILE B 86 -22.45 1.83 -15.06
N ASP B 87 -22.95 3.06 -15.22
CA ASP B 87 -22.83 3.77 -16.47
C ASP B 87 -21.86 4.94 -16.24
N GLY B 88 -20.67 4.85 -16.83
CA GLY B 88 -19.68 5.91 -16.67
C GLY B 88 -18.56 5.61 -15.67
N ASP B 89 -17.98 6.67 -15.12
CA ASP B 89 -16.89 6.51 -14.17
C ASP B 89 -17.33 6.82 -12.75
N ILE B 90 -17.08 5.88 -11.85
CA ILE B 90 -17.41 6.09 -10.46
C ILE B 90 -16.40 7.09 -9.92
N ILE B 91 -16.87 8.10 -9.20
CA ILE B 91 -15.99 9.11 -8.63
C ILE B 91 -16.15 9.19 -7.11
N GLU B 92 -17.19 8.56 -6.59
CA GLU B 92 -17.42 8.64 -5.17
C GLU B 92 -18.34 7.55 -4.69
N ILE B 93 -18.18 7.12 -3.44
CA ILE B 93 -19.09 6.14 -2.86
C ILE B 93 -19.36 6.61 -1.43
N SER B 94 -20.59 6.43 -0.99
CA SER B 94 -20.95 6.85 0.36
C SER B 94 -21.95 5.91 0.99
N GLY B 95 -22.25 6.10 2.26
CA GLY B 95 -23.21 5.23 2.91
C GLY B 95 -23.22 5.35 4.41
N MET B 96 -23.73 4.33 5.07
CA MET B 96 -23.84 4.33 6.52
C MET B 96 -23.15 3.13 7.16
N ILE B 97 -22.63 3.33 8.35
CA ILE B 97 -21.97 2.29 9.11
C ILE B 97 -22.73 2.11 10.42
N ALA B 98 -23.01 0.87 10.79
CA ALA B 98 -23.72 0.62 12.05
C ALA B 98 -23.44 -0.80 12.53
N ASN B 99 -23.89 -1.11 13.74
CA ASN B 99 -23.67 -2.44 14.32
C ASN B 99 -24.71 -3.45 13.86
N TYR B 100 -24.27 -4.65 13.52
CA TYR B 100 -25.16 -5.72 13.10
C TYR B 100 -24.69 -7.02 13.72
N LYS B 101 -25.54 -7.57 14.58
CA LYS B 101 -25.26 -8.81 15.30
C LYS B 101 -23.88 -8.82 15.96
N GLY B 102 -23.46 -7.64 16.44
CA GLY B 102 -22.19 -7.57 17.13
C GLY B 102 -21.02 -6.89 16.44
N TYR B 103 -21.16 -6.52 15.17
CA TYR B 103 -20.06 -5.86 14.47
C TYR B 103 -20.47 -4.58 13.73
N ASN B 104 -19.54 -3.63 13.65
CA ASN B 104 -19.78 -2.38 12.95
C ASN B 104 -19.46 -2.69 11.51
N VAL B 105 -20.46 -2.60 10.64
CA VAL B 105 -20.26 -2.91 9.23
C VAL B 105 -20.89 -1.88 8.31
N ILE B 106 -20.67 -2.04 7.01
CA ILE B 106 -21.29 -1.15 6.05
C ILE B 106 -22.75 -1.61 5.99
N ARG B 107 -23.67 -0.69 6.26
CA ARG B 107 -25.11 -0.97 6.28
C ARG B 107 -25.85 -0.47 5.04
N SER B 108 -25.30 0.57 4.42
CA SER B 108 -25.87 1.14 3.21
C SER B 108 -24.76 1.62 2.31
N ILE B 109 -25.09 1.83 1.05
CA ILE B 109 -24.08 2.28 0.13
C ILE B 109 -24.66 2.92 -1.11
N LYS B 110 -23.96 3.95 -1.58
CA LYS B 110 -24.35 4.72 -2.73
C LYS B 110 -23.17 4.95 -3.66
N PHE B 111 -23.39 4.68 -4.94
CA PHE B 111 -22.36 4.84 -5.95
C PHE B 111 -22.70 6.04 -6.82
N THR B 112 -21.72 6.92 -7.00
CA THR B 112 -21.93 8.10 -7.82
C THR B 112 -20.93 8.17 -8.97
N THR B 113 -21.44 8.32 -10.19
CA THR B 113 -20.55 8.44 -11.36
C THR B 113 -20.64 9.87 -11.86
N ASN B 114 -19.77 10.22 -12.80
CA ASN B 114 -19.76 11.58 -13.35
C ASN B 114 -20.96 11.77 -14.29
N LYS B 115 -21.81 10.75 -14.38
CA LYS B 115 -23.02 10.80 -15.21
C LYS B 115 -24.32 10.44 -14.46
N LYS B 116 -24.27 9.42 -13.59
CA LYS B 116 -25.47 9.03 -12.83
C LYS B 116 -25.26 8.81 -11.33
N GLU B 117 -26.36 8.55 -10.62
CA GLU B 117 -26.34 8.33 -9.19
C GLU B 117 -27.12 7.06 -8.83
N TYR B 118 -26.46 6.13 -8.12
CA TYR B 118 -27.09 4.87 -7.76
C TYR B 118 -27.08 4.61 -6.25
N GLY B 119 -28.26 4.66 -5.63
CA GLY B 119 -28.33 4.43 -4.20
C GLY B 119 -28.81 5.66 -3.43
N PRO B 120 -28.66 5.66 -2.10
CA PRO B 120 -28.09 4.54 -1.34
C PRO B 120 -28.98 3.30 -1.33
N TYR B 121 -28.39 2.17 -0.98
CA TYR B 121 -29.10 0.90 -0.89
C TYR B 121 -28.83 0.29 0.48
N GLY B 122 -29.86 -0.25 1.11
CA GLY B 122 -29.70 -0.87 2.41
C GLY B 122 -30.44 -0.16 3.54
N ALA B 123 -29.79 -0.07 4.69
CA ALA B 123 -30.36 0.58 5.86
C ALA B 123 -29.65 1.92 6.00
N ASN B 124 -30.26 2.96 5.47
CA ASN B 124 -29.64 4.29 5.53
C ASN B 124 -29.71 4.88 6.95
N ALA B 125 -29.07 4.22 7.91
CA ALA B 125 -29.06 4.66 9.29
C ALA B 125 -27.74 4.29 9.95
N GLY B 126 -27.21 5.19 10.77
CA GLY B 126 -25.94 4.92 11.43
C GLY B 126 -24.92 6.03 11.24
N THR B 127 -23.65 5.66 11.09
CA THR B 127 -22.60 6.66 10.90
C THR B 127 -22.27 6.85 9.42
N PRO B 128 -22.33 8.10 8.95
CA PRO B 128 -22.05 8.41 7.55
C PRO B 128 -20.59 8.29 7.15
N PHE B 129 -20.34 7.82 5.93
CA PHE B 129 -18.96 7.76 5.42
C PHE B 129 -18.99 8.29 4.01
N ASN B 130 -17.87 8.85 3.56
CA ASN B 130 -17.80 9.42 2.23
C ASN B 130 -16.38 9.28 1.66
N ILE B 131 -16.27 8.49 0.62
CA ILE B 131 -15.04 8.22 -0.07
C ILE B 131 -15.08 9.07 -1.34
N LYS B 132 -14.26 10.11 -1.35
CA LYS B 132 -14.15 11.01 -2.49
C LYS B 132 -12.72 11.01 -2.99
N ILE B 133 -12.54 11.38 -4.25
CA ILE B 133 -11.21 11.42 -4.84
C ILE B 133 -11.02 12.78 -5.48
N PRO B 134 -9.77 13.19 -5.70
CA PRO B 134 -9.49 14.48 -6.31
C PRO B 134 -10.13 14.58 -7.70
N ASP B 135 -10.63 15.77 -8.04
CA ASP B 135 -11.25 16.04 -9.34
C ASP B 135 -10.33 15.57 -10.46
N GLY B 136 -10.92 15.00 -11.51
CA GLY B 136 -10.10 14.53 -12.62
C GLY B 136 -9.65 13.08 -12.47
N ASN B 137 -10.00 12.43 -11.37
CA ASN B 137 -9.64 11.02 -11.16
C ASN B 137 -10.89 10.15 -11.23
N LYS B 138 -10.68 8.84 -11.16
CA LYS B 138 -11.77 7.88 -11.21
C LYS B 138 -11.44 6.68 -10.33
N ILE B 139 -12.47 6.02 -9.81
CA ILE B 139 -12.28 4.85 -8.97
C ILE B 139 -12.18 3.65 -9.89
N VAL B 140 -11.10 2.88 -9.78
CA VAL B 140 -10.92 1.75 -10.66
C VAL B 140 -10.87 0.44 -9.88
N GLY B 141 -11.26 0.48 -8.61
CA GLY B 141 -11.25 -0.74 -7.82
C GLY B 141 -11.68 -0.53 -6.38
N PHE B 142 -11.76 -1.61 -5.63
CA PHE B 142 -12.16 -1.53 -4.23
C PHE B 142 -11.38 -2.56 -3.43
N PHE B 143 -11.21 -2.29 -2.15
CA PHE B 143 -10.53 -3.20 -1.22
C PHE B 143 -11.22 -2.98 0.12
N GLY B 144 -10.98 -3.84 1.10
CA GLY B 144 -11.61 -3.64 2.38
C GLY B 144 -11.30 -4.78 3.32
N ASN B 145 -12.17 -4.98 4.29
CA ASN B 145 -12.04 -6.07 5.27
C ASN B 145 -13.46 -6.70 5.25
N SER B 146 -13.54 -8.02 5.40
CA SER B 146 -14.84 -8.66 5.44
C SER B 146 -14.81 -10.02 6.13
N GLY B 147 -15.99 -10.59 6.34
CA GLY B 147 -16.11 -11.88 6.97
C GLY B 147 -17.51 -12.35 6.64
N TRP B 148 -18.36 -12.43 7.67
CA TRP B 148 -19.76 -12.83 7.46
C TRP B 148 -20.40 -11.66 6.74
N TYR B 149 -19.96 -10.45 7.10
CA TYR B 149 -20.50 -9.24 6.51
C TYR B 149 -19.39 -8.41 5.88
N VAL B 150 -19.71 -7.18 5.49
CA VAL B 150 -18.74 -6.29 4.86
C VAL B 150 -18.32 -5.31 5.95
N ASP B 151 -17.13 -5.56 6.52
CA ASP B 151 -16.60 -4.74 7.62
C ASP B 151 -16.05 -3.39 7.23
N ALA B 152 -15.33 -3.33 6.12
CA ALA B 152 -14.76 -2.05 5.70
C ALA B 152 -14.57 -1.97 4.21
N ILE B 153 -14.59 -0.76 3.68
CA ILE B 153 -14.40 -0.57 2.25
C ILE B 153 -13.57 0.64 1.94
N GLY B 154 -12.74 0.49 0.90
CA GLY B 154 -11.87 1.55 0.45
C GLY B 154 -11.83 1.46 -1.07
N ALA B 155 -11.28 2.49 -1.73
CA ALA B 155 -11.22 2.50 -3.19
C ALA B 155 -9.84 2.85 -3.76
N TYR B 156 -9.55 2.30 -4.93
CA TYR B 156 -8.31 2.57 -5.63
C TYR B 156 -8.67 3.64 -6.67
N TYR B 157 -7.77 4.58 -6.93
CA TYR B 157 -8.09 5.60 -7.91
C TYR B 157 -6.86 6.06 -8.72
N THR B 158 -7.14 6.54 -9.93
CA THR B 158 -6.10 6.98 -10.85
C THR B 158 -6.64 8.13 -11.72
N ALA B 159 -5.76 8.91 -12.32
CA ALA B 159 -6.18 10.04 -13.15
C ALA B 159 -6.97 9.57 -14.36
N LYS B 160 -7.94 10.37 -14.78
CA LYS B 160 -8.71 10.03 -15.98
C LYS B 160 -7.82 10.23 -17.22
N LEU C 9 21.20 -14.39 -4.16
CA LEU C 9 19.84 -14.16 -3.60
C LEU C 9 19.17 -12.90 -4.15
N GLN C 10 18.25 -13.10 -5.09
CA GLN C 10 17.52 -12.00 -5.72
C GLN C 10 16.03 -12.13 -5.37
N LEU C 11 15.66 -11.82 -4.12
CA LEU C 11 14.27 -11.92 -3.66
C LEU C 11 13.51 -10.61 -3.68
N ALA C 12 12.24 -10.65 -4.08
CA ALA C 12 11.45 -9.42 -4.10
C ALA C 12 11.40 -8.79 -2.69
N ALA C 13 11.34 -7.46 -2.66
CA ALA C 13 11.29 -6.74 -1.38
C ALA C 13 9.91 -6.80 -0.81
N HIS C 14 9.77 -6.58 0.49
CA HIS C 14 8.47 -6.62 1.15
C HIS C 14 8.04 -5.27 1.73
N SER C 15 6.73 -5.12 1.93
CA SER C 15 6.14 -3.90 2.49
C SER C 15 5.32 -4.35 3.70
N ASP C 16 5.51 -3.69 4.84
CA ASP C 16 4.81 -4.07 6.08
C ASP C 16 3.29 -3.93 5.98
N ALA C 17 2.57 -4.73 6.75
CA ALA C 17 1.09 -4.65 6.74
C ALA C 17 0.67 -3.29 7.34
N ARG C 18 -0.52 -2.84 6.99
CA ARG C 18 -1.02 -1.56 7.49
C ARG C 18 -2.36 -1.65 8.25
N SER C 19 -2.53 -0.75 9.21
CA SER C 19 -3.74 -0.68 10.01
C SER C 19 -4.16 0.78 9.98
N GLY C 20 -5.35 1.03 9.43
CA GLY C 20 -5.85 2.39 9.31
C GLY C 20 -5.86 2.86 7.86
N PRO C 21 -5.94 4.18 7.59
CA PRO C 21 -6.03 5.28 8.57
C PRO C 21 -7.42 5.50 9.14
N VAL C 22 -7.46 6.34 10.18
CA VAL C 22 -8.68 6.76 10.87
C VAL C 22 -8.56 8.28 10.89
N GLY C 23 -9.70 8.95 11.00
CA GLY C 23 -9.72 10.41 11.00
C GLY C 23 -10.36 10.84 9.70
N SER C 24 -9.92 11.94 9.11
CA SER C 24 -10.48 12.38 7.84
C SER C 24 -9.41 12.77 6.80
N ASN C 25 -9.83 12.91 5.55
CA ASN C 25 -8.85 13.25 4.52
C ASN C 25 -8.11 14.56 4.83
N GLY C 26 -6.84 14.62 4.44
CA GLY C 26 -6.06 15.81 4.70
C GLY C 26 -5.24 16.19 3.46
N GLY C 27 -4.77 17.43 3.41
CA GLY C 27 -4.03 17.86 2.24
C GLY C 27 -2.85 16.98 1.86
N GLN C 28 -1.97 16.71 2.82
CA GLN C 28 -0.82 15.91 2.48
C GLN C 28 -0.81 14.49 3.07
N PHE C 29 -0.42 13.51 2.25
CA PHE C 29 -0.28 12.14 2.73
C PHE C 29 1.12 12.14 3.38
N TRP C 30 1.27 11.52 4.55
CA TRP C 30 2.59 11.47 5.17
C TRP C 30 2.91 10.05 5.66
N SER C 31 4.20 9.72 5.73
CA SER C 31 4.64 8.37 6.16
C SER C 31 6.01 8.42 6.82
N PHE C 32 6.16 7.64 7.88
CA PHE C 32 7.39 7.54 8.67
C PHE C 32 7.53 6.15 9.33
N ARG C 33 8.42 5.32 8.79
CA ARG C 33 8.68 3.97 9.32
C ARG C 33 10.18 3.82 9.41
N PRO C 34 10.78 4.17 10.57
CA PRO C 34 12.24 4.05 10.70
C PRO C 34 12.73 2.60 10.85
N VAL C 35 14.02 2.39 10.58
CA VAL C 35 14.64 1.06 10.68
C VAL C 35 14.76 0.61 12.13
N ARG C 36 14.99 1.55 13.03
CA ARG C 36 15.08 1.28 14.46
C ARG C 36 13.78 1.64 15.17
N PRO C 37 13.61 1.14 16.41
CA PRO C 37 12.38 1.42 17.18
C PRO C 37 12.05 2.89 17.39
N LEU C 38 10.75 3.20 17.44
CA LEU C 38 10.28 4.56 17.70
C LEU C 38 10.41 4.72 19.20
N ASN C 39 11.34 5.55 19.66
CA ASN C 39 11.49 5.69 21.09
C ASN C 39 11.05 7.04 21.63
N LYS C 40 10.48 7.88 20.78
CA LYS C 40 10.06 9.18 21.28
C LYS C 40 9.02 9.87 20.41
N ILE C 41 7.99 10.39 21.06
CA ILE C 41 6.90 11.08 20.40
C ILE C 41 6.62 12.37 21.18
N VAL C 42 6.58 13.49 20.44
CA VAL C 42 6.30 14.81 21.01
C VAL C 42 4.99 15.37 20.43
N LEU C 43 4.05 15.66 21.31
CA LEU C 43 2.74 16.22 20.94
C LEU C 43 2.75 17.72 21.20
N SER C 44 2.47 18.51 20.17
CA SER C 44 2.44 19.97 20.31
C SER C 44 1.00 20.47 20.19
N PHE C 45 0.58 21.32 21.14
CA PHE C 45 -0.78 21.87 21.20
C PHE C 45 -0.87 23.39 21.27
N SER C 46 -2.09 23.91 21.12
CA SER C 46 -2.35 25.34 21.33
C SER C 46 -3.28 25.21 22.56
N GLY C 47 -3.73 26.31 23.14
CA GLY C 47 -4.59 26.22 24.31
C GLY C 47 -3.75 26.14 25.58
N SER C 48 -4.25 25.47 26.63
CA SER C 48 -3.47 25.32 27.86
C SER C 48 -3.84 24.04 28.59
N PRO C 49 -2.85 23.45 29.31
CA PRO C 49 -2.97 22.21 30.08
C PRO C 49 -4.03 22.25 31.19
N ASP C 50 -4.35 23.46 31.64
CA ASP C 50 -5.35 23.67 32.70
C ASP C 50 -6.78 23.63 32.20
N GLN C 51 -6.94 23.98 30.93
CA GLN C 51 -8.21 24.02 30.24
C GLN C 51 -8.18 22.96 29.14
N THR C 52 -8.43 23.41 27.92
CA THR C 52 -8.43 22.50 26.78
C THR C 52 -7.18 22.59 25.91
N LEU C 53 -6.60 21.44 25.58
CA LEU C 53 -5.43 21.40 24.70
C LEU C 53 -5.88 21.03 23.27
N ASN C 54 -5.37 21.75 22.26
CA ASN C 54 -5.74 21.49 20.87
C ASN C 54 -4.52 20.88 20.17
N LEU C 55 -4.62 19.61 19.80
CA LEU C 55 -3.53 18.93 19.12
C LEU C 55 -3.28 19.57 17.75
N ILE C 56 -2.05 20.02 17.54
CA ILE C 56 -1.71 20.69 16.28
C ILE C 56 -0.71 19.91 15.45
N SER C 57 0.23 19.25 16.11
CA SER C 57 1.24 18.46 15.39
C SER C 57 1.84 17.34 16.24
N ILE C 58 2.35 16.32 15.57
CA ILE C 58 2.98 15.20 16.21
C ILE C 58 4.37 14.99 15.61
N THR C 59 5.36 14.82 16.49
CA THR C 59 6.75 14.58 16.09
C THR C 59 7.16 13.16 16.52
N PHE C 60 7.58 12.33 15.56
CA PHE C 60 8.01 10.95 15.85
C PHE C 60 9.51 10.85 15.68
N SER C 61 10.19 10.07 16.51
CA SER C 61 11.63 9.95 16.35
C SER C 61 12.22 8.64 16.86
N SER C 62 13.39 8.29 16.33
CA SER C 62 14.11 7.10 16.75
C SER C 62 15.55 7.61 16.71
N ASN C 63 16.21 7.61 17.86
CA ASN C 63 17.58 8.13 17.95
C ASN C 63 17.52 9.64 17.64
N PRO C 64 18.64 10.36 17.86
CA PRO C 64 18.66 11.80 17.59
C PRO C 64 18.63 12.16 16.11
N THR C 65 18.65 11.16 15.24
CA THR C 65 18.65 11.41 13.82
C THR C 65 17.29 11.34 13.16
N ASP C 66 16.73 10.13 13.03
CA ASP C 66 15.44 9.97 12.39
C ASP C 66 14.33 10.70 13.16
N ILE C 67 13.79 11.75 12.55
CA ILE C 67 12.72 12.55 13.16
C ILE C 67 11.77 13.06 12.09
N ILE C 68 10.49 13.17 12.41
CA ILE C 68 9.53 13.73 11.45
C ILE C 68 8.42 14.47 12.18
N THR C 69 7.98 15.58 11.60
CA THR C 69 6.91 16.36 12.21
C THR C 69 5.78 16.46 11.19
N VAL C 70 4.58 16.06 11.59
CA VAL C 70 3.45 16.14 10.70
C VAL C 70 2.41 17.02 11.40
N GLY C 71 1.70 17.83 10.62
CA GLY C 71 0.75 18.78 11.19
C GLY C 71 1.58 20.02 11.50
N GLY C 72 0.95 21.08 12.01
CA GLY C 72 1.67 22.29 12.38
C GLY C 72 2.22 23.18 11.27
N VAL C 73 1.73 23.01 10.04
CA VAL C 73 2.20 23.82 8.92
C VAL C 73 1.49 25.18 8.90
N GLY C 74 0.55 25.39 9.81
CA GLY C 74 -0.16 26.65 9.87
C GLY C 74 0.47 27.65 10.83
N PRO C 75 0.01 28.92 10.81
CA PRO C 75 0.48 30.03 11.64
C PRO C 75 0.07 29.97 13.10
N GLU C 76 -0.83 29.06 13.46
CA GLU C 76 -1.29 28.95 14.84
C GLU C 76 -0.15 28.72 15.84
N PRO C 77 -0.01 29.62 16.81
CA PRO C 77 1.03 29.52 17.84
C PRO C 77 0.86 28.33 18.79
N LEU C 78 1.94 27.57 18.99
CA LEU C 78 1.90 26.45 19.93
C LEU C 78 2.04 27.03 21.33
N THR C 79 1.56 26.33 22.33
CA THR C 79 1.63 26.85 23.70
C THR C 79 1.93 25.77 24.71
N TYR C 80 2.04 24.54 24.24
CA TYR C 80 2.31 23.42 25.14
C TYR C 80 2.77 22.21 24.36
N THR C 81 3.66 21.42 24.92
CA THR C 81 4.11 20.21 24.23
C THR C 81 4.26 19.12 25.29
N GLU C 82 4.00 17.88 24.88
CA GLU C 82 4.14 16.75 25.76
C GLU C 82 5.02 15.70 25.12
N THR C 83 6.04 15.31 25.86
CA THR C 83 6.97 14.33 25.35
C THR C 83 6.67 12.94 25.89
N VAL C 84 6.56 11.96 24.99
CA VAL C 84 6.30 10.61 25.41
C VAL C 84 7.50 9.74 25.08
N ASN C 85 8.18 9.26 26.12
CA ASN C 85 9.31 8.39 25.91
C ASN C 85 8.81 6.96 25.98
N ILE C 86 8.67 6.33 24.81
CA ILE C 86 8.16 4.96 24.74
C ILE C 86 9.15 3.96 25.31
N ASP C 87 8.67 3.15 26.24
CA ASP C 87 9.49 2.14 26.92
C ASP C 87 9.52 0.76 26.22
N GLY C 88 8.35 0.22 25.89
CA GLY C 88 8.32 -1.07 25.23
C GLY C 88 7.85 -1.07 23.78
N ASP C 89 7.22 -2.15 23.37
CA ASP C 89 6.69 -2.29 22.02
C ASP C 89 5.30 -1.67 21.94
N ILE C 90 5.16 -0.64 21.09
CA ILE C 90 3.88 0.01 20.90
C ILE C 90 2.98 -0.99 20.17
N ILE C 91 1.90 -1.41 20.81
CA ILE C 91 1.02 -2.38 20.21
C ILE C 91 -0.37 -1.83 19.93
N GLU C 92 -0.65 -0.62 20.40
CA GLU C 92 -1.95 -0.02 20.17
C GLU C 92 -2.01 1.49 20.35
N ILE C 93 -2.81 2.13 19.51
CA ILE C 93 -3.00 3.56 19.56
C ILE C 93 -4.50 3.79 19.64
N SER C 94 -4.92 4.86 20.32
CA SER C 94 -6.32 5.17 20.42
C SER C 94 -6.50 6.67 20.67
N GLY C 95 -7.74 7.15 20.58
CA GLY C 95 -7.99 8.56 20.81
C GLY C 95 -9.36 9.01 20.32
N MET C 96 -9.51 10.32 20.10
CA MET C 96 -10.77 10.90 19.64
C MET C 96 -10.61 11.78 18.40
N ILE C 97 -11.63 11.75 17.55
CA ILE C 97 -11.67 12.56 16.34
C ILE C 97 -12.79 13.58 16.57
N ALA C 98 -12.52 14.84 16.25
CA ALA C 98 -13.50 15.90 16.41
C ALA C 98 -13.13 17.14 15.60
N ASN C 99 -14.11 18.02 15.44
CA ASN C 99 -13.98 19.26 14.69
C ASN C 99 -13.13 20.29 15.36
N TYR C 100 -12.27 20.93 14.58
CA TYR C 100 -11.42 21.99 15.09
C TYR C 100 -11.25 22.97 13.95
N LYS C 101 -11.79 24.17 14.14
CA LYS C 101 -11.72 25.25 13.17
C LYS C 101 -12.16 24.82 11.79
N GLY C 102 -13.23 24.03 11.76
CA GLY C 102 -13.78 23.59 10.50
C GLY C 102 -13.14 22.36 9.90
N TYR C 103 -12.43 21.59 10.71
CA TYR C 103 -11.78 20.37 10.23
C TYR C 103 -11.90 19.22 11.23
N ASN C 104 -12.21 18.03 10.72
CA ASN C 104 -12.30 16.84 11.56
C ASN C 104 -10.89 16.31 11.64
N VAL C 105 -10.32 16.34 12.84
CA VAL C 105 -8.95 15.89 13.04
C VAL C 105 -8.74 15.15 14.34
N ILE C 106 -7.54 14.60 14.50
CA ILE C 106 -7.19 13.88 15.71
C ILE C 106 -7.08 14.93 16.80
N ARG C 107 -7.92 14.79 17.83
CA ARG C 107 -7.95 15.71 18.95
C ARG C 107 -7.36 15.13 20.25
N SER C 108 -7.27 13.80 20.30
CA SER C 108 -6.78 13.10 21.47
C SER C 108 -6.04 11.85 21.01
N ILE C 109 -4.99 11.48 21.73
CA ILE C 109 -4.25 10.28 21.34
C ILE C 109 -3.64 9.58 22.55
N LYS C 110 -3.61 8.26 22.52
CA LYS C 110 -3.09 7.45 23.61
C LYS C 110 -2.28 6.28 23.06
N PHE C 111 -1.08 6.09 23.61
CA PHE C 111 -0.20 5.04 23.16
C PHE C 111 -0.15 3.92 24.22
N THR C 112 -0.25 2.68 23.75
CA THR C 112 -0.20 1.51 24.62
C THR C 112 0.90 0.55 24.17
N THR C 113 1.84 0.26 25.07
CA THR C 113 2.94 -0.65 24.75
C THR C 113 2.72 -1.97 25.46
N ASN C 114 3.63 -2.91 25.22
CA ASN C 114 3.55 -4.23 25.84
C ASN C 114 3.96 -4.10 27.31
N LYS C 115 4.19 -2.86 27.74
CA LYS C 115 4.59 -2.57 29.11
C LYS C 115 3.57 -1.67 29.84
N LYS C 116 3.35 -0.47 29.31
CA LYS C 116 2.43 0.48 29.93
C LYS C 116 1.60 1.30 28.94
N GLU C 117 0.89 2.29 29.47
CA GLU C 117 0.06 3.16 28.65
C GLU C 117 0.47 4.62 28.79
N TYR C 118 0.22 5.39 27.74
CA TYR C 118 0.58 6.79 27.73
C TYR C 118 -0.58 7.60 27.18
N GLY C 119 -1.21 8.40 28.04
CA GLY C 119 -2.34 9.22 27.62
C GLY C 119 -3.62 8.82 28.33
N PRO C 120 -4.80 9.24 27.82
CA PRO C 120 -4.98 10.06 26.62
C PRO C 120 -4.49 11.51 26.78
N TYR C 121 -3.88 12.04 25.71
CA TYR C 121 -3.36 13.40 25.67
C TYR C 121 -4.23 14.19 24.70
N GLY C 122 -4.68 15.39 25.10
CA GLY C 122 -5.50 16.18 24.22
C GLY C 122 -6.88 16.51 24.75
N ALA C 123 -7.84 16.63 23.85
CA ALA C 123 -9.22 17.00 24.18
C ALA C 123 -10.17 15.82 24.21
N ASN C 124 -11.11 15.81 25.15
CA ASN C 124 -12.07 14.72 25.23
C ASN C 124 -13.35 15.20 24.55
N ALA C 125 -13.72 14.50 23.50
CA ALA C 125 -14.93 14.81 22.76
C ALA C 125 -14.82 14.19 21.40
N GLY C 126 -15.96 13.89 20.79
CA GLY C 126 -15.95 13.36 19.45
C GLY C 126 -16.02 11.87 19.30
N THR C 127 -15.61 11.42 18.13
CA THR C 127 -15.64 10.01 17.82
C THR C 127 -14.34 9.28 18.20
N PRO C 128 -14.47 8.16 18.94
CA PRO C 128 -13.27 7.43 19.32
C PRO C 128 -12.68 6.62 18.16
N PHE C 129 -11.38 6.39 18.21
CA PHE C 129 -10.75 5.55 17.22
C PHE C 129 -9.82 4.58 17.95
N ASN C 130 -9.54 3.46 17.33
CA ASN C 130 -8.67 2.50 17.97
C ASN C 130 -7.86 1.76 16.90
N ILE C 131 -6.55 1.86 16.95
CA ILE C 131 -5.72 1.12 16.00
C ILE C 131 -5.10 -0.06 16.76
N LYS C 132 -5.62 -1.24 16.49
CA LYS C 132 -5.14 -2.46 17.13
C LYS C 132 -4.58 -3.40 16.09
N ILE C 133 -3.58 -4.19 16.48
CA ILE C 133 -2.91 -5.12 15.59
C ILE C 133 -3.03 -6.54 16.10
N PRO C 134 -2.89 -7.54 15.19
CA PRO C 134 -2.99 -8.94 15.62
C PRO C 134 -1.95 -9.27 16.68
N ASP C 135 -2.31 -10.20 17.55
CA ASP C 135 -1.39 -10.63 18.61
C ASP C 135 -0.02 -10.97 18.06
N GLY C 136 1.02 -10.69 18.83
CA GLY C 136 2.35 -11.02 18.38
C GLY C 136 3.02 -10.00 17.49
N ASN C 137 2.31 -8.95 17.12
CA ASN C 137 2.91 -7.93 16.27
C ASN C 137 3.19 -6.67 17.05
N LYS C 138 3.84 -5.71 16.38
CA LYS C 138 4.11 -4.42 17.00
C LYS C 138 4.10 -3.32 15.95
N ILE C 139 3.78 -2.12 16.38
CA ILE C 139 3.77 -0.96 15.48
C ILE C 139 5.21 -0.53 15.22
N VAL C 140 5.59 -0.45 13.96
CA VAL C 140 6.95 -0.05 13.62
C VAL C 140 7.03 1.32 12.91
N GLY C 141 5.86 1.90 12.61
CA GLY C 141 5.81 3.20 11.98
C GLY C 141 4.39 3.74 11.92
N PHE C 142 4.23 4.96 11.42
CA PHE C 142 2.91 5.58 11.31
C PHE C 142 2.79 6.29 9.95
N PHE C 143 1.57 6.48 9.48
CA PHE C 143 1.31 7.20 8.22
C PHE C 143 -0.03 7.93 8.40
N GLY C 144 -0.39 8.81 7.47
CA GLY C 144 -1.68 9.50 7.62
C GLY C 144 -1.89 10.68 6.69
N ASN C 145 -2.70 11.65 7.12
CA ASN C 145 -2.96 12.88 6.35
C ASN C 145 -2.81 14.05 7.33
N SER C 146 -2.27 15.16 6.84
CA SER C 146 -2.09 16.34 7.68
C SER C 146 -2.04 17.65 6.86
N GLY C 147 -2.23 18.75 7.57
CA GLY C 147 -2.21 20.08 6.99
C GLY C 147 -1.81 20.94 8.17
N TRP C 148 -2.67 21.87 8.54
CA TRP C 148 -2.40 22.71 9.68
C TRP C 148 -2.49 21.85 10.96
N TYR C 149 -3.29 20.77 10.89
CA TYR C 149 -3.48 19.86 12.02
C TYR C 149 -3.20 18.41 11.59
N VAL C 150 -3.40 17.44 12.50
CA VAL C 150 -3.20 16.04 12.13
C VAL C 150 -4.59 15.50 11.74
N ASP C 151 -4.83 15.38 10.44
CA ASP C 151 -6.10 14.93 9.90
C ASP C 151 -6.42 13.44 10.06
N ALA C 152 -5.45 12.59 9.73
CA ALA C 152 -5.67 11.16 9.84
C ALA C 152 -4.39 10.43 10.23
N ILE C 153 -4.53 9.27 10.86
CA ILE C 153 -3.36 8.50 11.26
C ILE C 153 -3.60 7.01 11.13
N GLY C 154 -2.54 6.29 10.76
CA GLY C 154 -2.53 4.85 10.61
C GLY C 154 -1.19 4.29 11.07
N ALA C 155 -1.07 2.97 11.21
CA ALA C 155 0.19 2.34 11.65
C ALA C 155 0.67 1.23 10.74
N TYR C 156 1.99 1.05 10.70
CA TYR C 156 2.62 -0.03 9.95
C TYR C 156 2.96 -0.99 11.08
N TYR C 157 2.80 -2.29 10.86
CA TYR C 157 3.13 -3.27 11.90
C TYR C 157 3.74 -4.53 11.32
N THR C 158 4.44 -5.26 12.18
CA THR C 158 5.08 -6.50 11.77
C THR C 158 5.26 -7.40 12.98
N ALA C 159 5.56 -8.68 12.77
CA ALA C 159 5.72 -9.59 13.90
C ALA C 159 6.85 -9.11 14.79
N LYS C 160 6.62 -9.05 16.10
CA LYS C 160 7.68 -8.62 16.98
C LYS C 160 8.65 -9.79 17.15
N LEU D 9 -16.72 17.34 5.17
CA LEU D 9 -16.02 17.43 6.49
C LEU D 9 -15.51 16.09 6.98
N GLN D 10 -16.20 15.01 6.60
CA GLN D 10 -15.80 13.68 7.02
C GLN D 10 -15.56 12.74 5.83
N LEU D 11 -14.46 12.98 5.11
CA LEU D 11 -14.14 12.15 3.97
C LEU D 11 -13.03 11.15 4.31
N ALA D 12 -12.95 10.08 3.55
CA ALA D 12 -11.93 9.07 3.77
C ALA D 12 -10.54 9.65 3.43
N ALA D 13 -9.53 9.28 4.20
CA ALA D 13 -8.18 9.77 3.99
C ALA D 13 -7.52 9.08 2.79
N HIS D 14 -6.62 9.78 2.12
CA HIS D 14 -5.96 9.23 0.95
C HIS D 14 -4.47 8.81 1.18
N SER D 15 -3.99 7.87 0.36
CA SER D 15 -2.60 7.41 0.40
C SER D 15 -2.04 7.56 -1.01
N ASP D 16 -0.84 8.15 -1.13
CA ASP D 16 -0.21 8.37 -2.44
C ASP D 16 0.09 7.10 -3.27
N ALA D 17 0.05 7.24 -4.58
CA ALA D 17 0.39 6.10 -5.45
C ALA D 17 1.86 5.75 -5.17
N ARG D 18 2.29 4.57 -5.57
CA ARG D 18 3.66 4.15 -5.32
C ARG D 18 4.26 3.57 -6.58
N SER D 19 5.56 3.73 -6.77
CA SER D 19 6.28 3.17 -7.91
C SER D 19 7.44 2.36 -7.31
N GLY D 20 7.42 1.03 -7.54
CA GLY D 20 8.48 0.18 -7.02
C GLY D 20 8.03 -0.77 -5.91
N PRO D 21 8.95 -1.27 -5.06
CA PRO D 21 10.40 -1.00 -5.06
C PRO D 21 11.21 -1.81 -6.05
N VAL D 22 12.46 -1.40 -6.24
CA VAL D 22 13.38 -2.15 -7.09
C VAL D 22 14.52 -2.52 -6.14
N GLY D 23 15.22 -3.61 -6.46
CA GLY D 23 16.28 -4.08 -5.59
C GLY D 23 15.82 -5.44 -5.08
N SER D 24 16.19 -5.80 -3.86
CA SER D 24 15.77 -7.09 -3.32
C SER D 24 15.45 -6.98 -1.85
N ASN D 25 14.90 -8.04 -1.29
CA ASN D 25 14.49 -8.05 0.12
C ASN D 25 15.61 -7.71 1.10
N GLY D 26 15.25 -7.03 2.17
CA GLY D 26 16.20 -6.64 3.20
C GLY D 26 15.49 -6.86 4.51
N GLY D 27 16.22 -6.80 5.62
CA GLY D 27 15.60 -7.06 6.92
C GLY D 27 14.50 -6.14 7.40
N GLN D 28 14.65 -4.85 7.14
CA GLN D 28 13.65 -3.89 7.57
C GLN D 28 13.03 -3.12 6.42
N PHE D 29 11.71 -2.96 6.48
CA PHE D 29 10.99 -2.16 5.52
C PHE D 29 11.15 -0.73 6.07
N TRP D 30 11.30 0.27 5.21
CA TRP D 30 11.41 1.66 5.69
C TRP D 30 10.54 2.58 4.81
N SER D 31 10.09 3.70 5.36
CA SER D 31 9.26 4.66 4.61
C SER D 31 9.40 6.08 5.14
N PHE D 32 9.49 7.03 4.20
CA PHE D 32 9.65 8.45 4.54
C PHE D 32 9.02 9.31 3.47
N ARG D 33 7.88 9.90 3.83
CA ARG D 33 7.14 10.82 2.95
C ARG D 33 6.79 12.00 3.86
N PRO D 34 7.65 13.05 3.86
CA PRO D 34 7.42 14.24 4.68
C PRO D 34 6.35 15.16 4.07
N VAL D 35 5.78 16.06 4.88
CA VAL D 35 4.74 16.98 4.43
C VAL D 35 5.29 18.13 3.58
N ARG D 36 6.60 18.33 3.63
CA ARG D 36 7.24 19.36 2.84
C ARG D 36 8.22 18.69 1.88
N PRO D 37 8.60 19.38 0.80
CA PRO D 37 9.54 18.93 -0.25
C PRO D 37 10.87 18.35 0.22
N LEU D 38 11.31 17.30 -0.49
CA LEU D 38 12.60 16.63 -0.25
C LEU D 38 13.63 17.56 -0.88
N ASN D 39 14.47 18.17 -0.06
CA ASN D 39 15.47 19.11 -0.57
C ASN D 39 16.93 18.73 -0.37
N LYS D 40 17.19 17.69 0.40
CA LYS D 40 18.57 17.28 0.65
C LYS D 40 18.71 15.78 0.78
N ILE D 41 19.60 15.18 -0.01
CA ILE D 41 19.83 13.76 0.08
C ILE D 41 21.33 13.53 0.29
N VAL D 42 21.69 12.83 1.37
CA VAL D 42 23.08 12.55 1.63
C VAL D 42 23.37 11.07 1.50
N LEU D 43 24.23 10.75 0.54
CA LEU D 43 24.65 9.38 0.28
C LEU D 43 25.95 9.05 1.02
N SER D 44 25.95 7.98 1.82
CA SER D 44 27.15 7.58 2.55
C SER D 44 27.77 6.29 1.99
N PHE D 45 29.08 6.31 1.74
CA PHE D 45 29.79 5.19 1.14
C PHE D 45 31.04 4.77 1.90
N SER D 46 31.54 3.58 1.55
CA SER D 46 32.80 3.10 2.11
C SER D 46 33.71 3.17 0.86
N GLY D 47 34.99 2.84 0.99
CA GLY D 47 35.87 2.90 -0.16
C GLY D 47 36.17 4.35 -0.50
N SER D 48 36.73 4.62 -1.67
CA SER D 48 37.03 6.00 -2.04
C SER D 48 36.69 6.26 -3.50
N PRO D 49 36.46 7.53 -3.85
CA PRO D 49 36.12 7.93 -5.23
C PRO D 49 37.19 7.63 -6.27
N ASP D 50 38.45 7.53 -5.84
CA ASP D 50 39.54 7.22 -6.76
C ASP D 50 39.55 5.71 -7.03
N GLN D 51 38.82 4.96 -6.20
CA GLN D 51 38.72 3.51 -6.34
C GLN D 51 37.24 3.25 -6.61
N THR D 52 36.64 2.28 -5.93
CA THR D 52 35.22 2.02 -6.10
C THR D 52 34.47 2.41 -4.83
N LEU D 53 33.31 3.04 -5.01
CA LEU D 53 32.50 3.46 -3.87
C LEU D 53 31.42 2.43 -3.61
N ASN D 54 31.26 2.09 -2.34
CA ASN D 54 30.27 1.12 -1.92
C ASN D 54 29.17 1.88 -1.13
N LEU D 55 27.99 2.04 -1.73
CA LEU D 55 26.89 2.74 -1.04
C LEU D 55 26.50 1.93 0.19
N ILE D 56 26.48 2.59 1.34
CA ILE D 56 26.15 1.96 2.62
C ILE D 56 24.80 2.43 3.16
N SER D 57 24.54 3.75 3.11
CA SER D 57 23.28 4.33 3.59
C SER D 57 22.89 5.57 2.81
N ILE D 58 21.62 5.97 2.97
CA ILE D 58 21.09 7.17 2.33
C ILE D 58 20.29 7.92 3.37
N THR D 59 20.52 9.24 3.42
CA THR D 59 19.82 10.13 4.34
C THR D 59 18.93 11.09 3.53
N PHE D 60 17.63 11.08 3.83
CA PHE D 60 16.66 11.94 3.17
C PHE D 60 16.26 13.02 4.17
N SER D 61 16.09 14.25 3.73
CA SER D 61 15.67 15.29 4.66
C SER D 61 14.80 16.36 4.02
N SER D 62 13.95 16.95 4.83
CA SER D 62 13.05 17.96 4.33
C SER D 62 13.23 19.15 5.24
N ASN D 63 13.83 20.21 4.71
CA ASN D 63 14.09 21.43 5.46
C ASN D 63 14.59 21.01 6.86
N PRO D 64 14.56 21.92 7.86
CA PRO D 64 15.05 21.49 9.17
C PRO D 64 14.14 20.46 9.83
N THR D 65 14.75 19.68 10.71
CA THR D 65 14.07 18.64 11.47
C THR D 65 13.73 17.35 10.72
N ASP D 66 12.86 17.41 9.72
CA ASP D 66 12.47 16.19 8.98
C ASP D 66 13.63 15.41 8.33
N ILE D 67 14.05 14.32 8.95
CA ILE D 67 15.16 13.54 8.41
C ILE D 67 15.11 12.06 8.77
N ILE D 68 15.67 11.23 7.92
CA ILE D 68 15.71 9.79 8.16
C ILE D 68 16.93 9.20 7.46
N THR D 69 17.46 8.15 8.04
CA THR D 69 18.62 7.47 7.50
C THR D 69 18.34 5.99 7.44
N VAL D 70 18.47 5.42 6.25
CA VAL D 70 18.24 4.01 6.03
C VAL D 70 19.53 3.34 5.59
N GLY D 71 19.70 2.08 5.98
CA GLY D 71 20.92 1.37 5.69
C GLY D 71 21.96 1.82 6.71
N GLY D 72 23.21 1.43 6.51
CA GLY D 72 24.28 1.84 7.40
C GLY D 72 24.20 1.44 8.86
N VAL D 73 23.40 0.43 9.22
CA VAL D 73 23.37 0.03 10.63
C VAL D 73 24.48 -0.97 10.94
N GLY D 74 25.28 -1.31 9.93
CA GLY D 74 26.39 -2.22 10.14
C GLY D 74 27.61 -1.49 10.69
N PRO D 75 28.69 -2.22 11.06
CA PRO D 75 29.91 -1.68 11.62
C PRO D 75 30.91 -1.08 10.62
N GLU D 76 30.65 -1.23 9.31
CA GLU D 76 31.58 -0.71 8.31
C GLU D 76 31.65 0.82 8.34
N PRO D 77 32.84 1.38 8.61
CA PRO D 77 33.05 2.83 8.68
C PRO D 77 32.82 3.53 7.34
N LEU D 78 32.21 4.70 7.41
CA LEU D 78 31.92 5.50 6.21
C LEU D 78 33.14 6.38 5.92
N THR D 79 33.59 6.39 4.67
CA THR D 79 34.76 7.18 4.29
C THR D 79 34.50 8.21 3.17
N TYR D 80 33.26 8.29 2.74
CA TYR D 80 32.89 9.24 1.71
C TYR D 80 31.39 9.54 1.75
N THR D 81 31.05 10.82 1.60
CA THR D 81 29.65 11.23 1.60
C THR D 81 29.38 12.22 0.48
N GLU D 82 28.26 12.05 -0.18
CA GLU D 82 27.87 12.94 -1.26
C GLU D 82 26.59 13.67 -0.87
N THR D 83 26.63 14.99 -0.80
CA THR D 83 25.44 15.76 -0.44
C THR D 83 24.77 16.31 -1.70
N VAL D 84 23.47 16.05 -1.84
CA VAL D 84 22.73 16.50 -3.01
C VAL D 84 21.62 17.47 -2.60
N ASN D 85 21.68 18.68 -3.14
CA ASN D 85 20.65 19.66 -2.84
C ASN D 85 19.75 19.73 -4.06
N ILE D 86 18.56 19.16 -3.93
CA ILE D 86 17.56 19.10 -4.99
C ILE D 86 16.97 20.48 -5.24
N ASP D 87 16.99 20.93 -6.48
CA ASP D 87 16.46 22.24 -6.83
C ASP D 87 14.93 22.24 -7.00
N GLY D 88 14.42 21.58 -8.02
CA GLY D 88 12.97 21.57 -8.20
C GLY D 88 12.27 20.31 -7.71
N ASP D 89 11.50 19.69 -8.58
CA ASP D 89 10.81 18.45 -8.25
C ASP D 89 11.52 17.26 -8.90
N ILE D 90 11.76 16.23 -8.10
CA ILE D 90 12.38 14.99 -8.56
C ILE D 90 11.26 14.25 -9.32
N ILE D 91 11.53 13.80 -10.55
CA ILE D 91 10.52 13.08 -11.32
C ILE D 91 11.01 11.70 -11.66
N GLU D 92 12.30 11.48 -11.45
CA GLU D 92 12.87 10.19 -11.76
C GLU D 92 14.08 9.86 -10.91
N ILE D 93 14.25 8.56 -10.65
CA ILE D 93 15.37 8.04 -9.89
C ILE D 93 15.88 6.82 -10.66
N SER D 94 17.20 6.70 -10.83
CA SER D 94 17.77 5.56 -11.53
C SER D 94 19.12 5.19 -10.94
N GLY D 95 19.64 4.03 -11.34
CA GLY D 95 20.94 3.61 -10.84
C GLY D 95 21.24 2.17 -11.17
N MET D 96 22.13 1.56 -10.38
CA MET D 96 22.54 0.17 -10.57
C MET D 96 22.36 -0.66 -9.31
N ILE D 97 22.09 -1.95 -9.53
CA ILE D 97 21.92 -2.93 -8.46
C ILE D 97 23.03 -3.95 -8.69
N ALA D 98 23.70 -4.36 -7.63
CA ALA D 98 24.78 -5.35 -7.74
C ALA D 98 25.05 -5.98 -6.39
N ASN D 99 25.85 -7.05 -6.38
CA ASN D 99 26.18 -7.78 -5.17
C ASN D 99 27.30 -7.10 -4.38
N TYR D 100 27.11 -7.05 -3.07
CA TYR D 100 28.10 -6.46 -2.18
C TYR D 100 28.11 -7.29 -0.92
N LYS D 101 29.19 -8.04 -0.72
CA LYS D 101 29.36 -8.90 0.44
C LYS D 101 28.21 -9.87 0.62
N GLY D 102 27.80 -10.51 -0.46
CA GLY D 102 26.72 -11.49 -0.40
C GLY D 102 25.30 -10.95 -0.40
N TYR D 103 25.15 -9.69 -0.81
CA TYR D 103 23.83 -9.05 -0.86
C TYR D 103 23.65 -8.21 -2.12
N ASN D 104 22.50 -8.37 -2.79
CA ASN D 104 22.19 -7.55 -3.96
C ASN D 104 21.57 -6.29 -3.39
N VAL D 105 22.20 -5.16 -3.63
CA VAL D 105 21.71 -3.90 -3.09
C VAL D 105 21.87 -2.77 -4.09
N ILE D 106 21.42 -1.59 -3.69
CA ILE D 106 21.55 -0.40 -4.53
C ILE D 106 23.04 0.00 -4.43
N ARG D 107 23.68 0.09 -5.58
CA ARG D 107 25.08 0.40 -5.68
C ARG D 107 25.30 1.78 -6.27
N SER D 108 24.36 2.21 -7.11
CA SER D 108 24.48 3.49 -7.78
C SER D 108 23.13 4.16 -7.82
N ILE D 109 23.12 5.50 -7.77
CA ILE D 109 21.86 6.21 -7.82
C ILE D 109 21.99 7.62 -8.43
N LYS D 110 21.01 8.00 -9.23
CA LYS D 110 20.97 9.30 -9.89
C LYS D 110 19.56 9.90 -9.76
N PHE D 111 19.50 11.18 -9.36
CA PHE D 111 18.23 11.89 -9.19
C PHE D 111 18.01 12.86 -10.37
N THR D 112 16.80 12.86 -10.92
CA THR D 112 16.48 13.71 -12.07
C THR D 112 15.27 14.60 -11.83
N THR D 113 15.45 15.90 -12.00
CA THR D 113 14.34 16.82 -11.84
C THR D 113 13.87 17.18 -13.23
N ASN D 114 13.11 18.27 -13.34
CA ASN D 114 12.60 18.71 -14.65
C ASN D 114 13.65 19.44 -15.49
N LYS D 115 14.65 20.02 -14.83
CA LYS D 115 15.69 20.75 -15.53
C LYS D 115 17.12 20.38 -15.15
N LYS D 116 17.29 19.41 -14.23
CA LYS D 116 18.63 19.00 -13.80
C LYS D 116 18.79 17.51 -13.45
N GLU D 117 20.05 17.05 -13.49
CA GLU D 117 20.39 15.67 -13.16
C GLU D 117 21.45 15.65 -12.06
N TYR D 118 21.27 14.76 -11.08
CA TYR D 118 22.21 14.64 -9.96
C TYR D 118 22.75 13.22 -9.87
N GLY D 119 23.99 13.02 -10.32
CA GLY D 119 24.58 11.71 -10.28
C GLY D 119 24.71 11.14 -11.68
N PRO D 120 24.84 9.81 -11.85
CA PRO D 120 24.87 8.78 -10.81
C PRO D 120 26.03 8.91 -9.83
N TYR D 121 25.77 8.48 -8.60
CA TYR D 121 26.75 8.51 -7.51
C TYR D 121 26.94 7.08 -7.03
N GLY D 122 28.19 6.65 -6.91
CA GLY D 122 28.45 5.30 -6.46
C GLY D 122 29.22 4.44 -7.44
N ALA D 123 28.88 3.16 -7.49
CA ALA D 123 29.55 2.23 -8.38
C ALA D 123 28.64 1.93 -9.57
N ASN D 124 28.97 2.49 -10.73
CA ASN D 124 28.15 2.26 -11.93
C ASN D 124 28.43 0.93 -12.60
N ALA D 125 27.84 -0.12 -12.06
CA ALA D 125 28.03 -1.44 -12.61
C ALA D 125 27.00 -2.36 -12.00
N GLY D 126 26.38 -3.17 -12.85
CA GLY D 126 25.37 -4.11 -12.40
C GLY D 126 24.10 -4.02 -13.21
N THR D 127 23.01 -4.48 -12.61
CA THR D 127 21.71 -4.46 -13.26
C THR D 127 21.15 -3.05 -13.08
N PRO D 128 20.70 -2.43 -14.18
CA PRO D 128 20.13 -1.08 -14.10
C PRO D 128 18.67 -1.05 -13.62
N PHE D 129 18.31 -0.01 -12.86
CA PHE D 129 16.93 0.17 -12.43
C PHE D 129 16.50 1.60 -12.76
N ASN D 130 15.19 1.78 -12.91
CA ASN D 130 14.67 3.08 -13.22
C ASN D 130 13.29 3.23 -12.59
N ILE D 131 13.08 4.36 -11.91
CA ILE D 131 11.79 4.63 -11.29
C ILE D 131 11.21 5.86 -11.98
N LYS D 132 10.25 5.63 -12.87
CA LYS D 132 9.61 6.72 -13.59
C LYS D 132 8.15 6.82 -13.16
N ILE D 133 7.62 8.05 -13.18
CA ILE D 133 6.25 8.31 -12.78
C ILE D 133 5.52 8.96 -13.95
N PRO D 134 4.17 8.88 -13.98
CA PRO D 134 3.40 9.48 -15.08
C PRO D 134 3.64 10.99 -15.18
N ASP D 135 3.79 11.51 -16.40
CA ASP D 135 4.03 12.93 -16.60
C ASP D 135 3.05 13.80 -15.78
N GLY D 136 3.53 14.94 -15.29
CA GLY D 136 2.68 15.82 -14.50
C GLY D 136 2.68 15.49 -13.01
N ASN D 137 3.41 14.45 -12.62
CA ASN D 137 3.51 14.04 -11.22
C ASN D 137 4.93 14.31 -10.68
N LYS D 138 5.10 14.23 -9.35
CA LYS D 138 6.40 14.42 -8.70
C LYS D 138 6.60 13.43 -7.54
N ILE D 139 7.86 13.08 -7.29
CA ILE D 139 8.17 12.19 -6.19
C ILE D 139 8.14 13.01 -4.88
N VAL D 140 7.34 12.56 -3.92
CA VAL D 140 7.17 13.24 -2.62
C VAL D 140 7.67 12.41 -1.45
N GLY D 141 8.24 11.26 -1.76
CA GLY D 141 8.74 10.43 -0.69
C GLY D 141 9.38 9.18 -1.23
N PHE D 142 9.96 8.38 -0.32
CA PHE D 142 10.63 7.15 -0.69
C PHE D 142 10.32 6.05 0.35
N PHE D 143 10.50 4.81 -0.08
CA PHE D 143 10.32 3.61 0.76
C PHE D 143 11.22 2.49 0.18
N GLY D 144 11.41 1.42 0.96
CA GLY D 144 12.25 0.32 0.49
C GLY D 144 12.57 -0.68 1.59
N ASN D 145 13.68 -1.41 1.42
CA ASN D 145 14.15 -2.40 2.42
C ASN D 145 15.61 -2.04 2.72
N SER D 146 16.05 -2.25 3.95
CA SER D 146 17.42 -1.95 4.29
C SER D 146 17.87 -2.71 5.54
N GLY D 147 19.17 -2.66 5.80
CA GLY D 147 19.76 -3.31 6.97
C GLY D 147 21.13 -2.66 7.07
N TRP D 148 22.17 -3.45 6.84
CA TRP D 148 23.51 -2.91 6.85
C TRP D 148 23.65 -1.96 5.67
N TYR D 149 22.99 -2.30 4.58
CA TYR D 149 23.04 -1.53 3.32
C TYR D 149 21.64 -1.16 2.81
N VAL D 150 21.58 -0.59 1.60
CA VAL D 150 20.30 -0.25 1.03
C VAL D 150 19.87 -1.29 -0.01
N ASP D 151 19.02 -2.20 0.45
CA ASP D 151 18.55 -3.32 -0.37
C ASP D 151 17.58 -3.00 -1.49
N ALA D 152 16.57 -2.18 -1.23
CA ALA D 152 15.60 -1.86 -2.27
C ALA D 152 15.08 -0.47 -2.02
N ILE D 153 14.53 0.15 -3.04
CA ILE D 153 14.02 1.49 -2.86
C ILE D 153 12.86 1.70 -3.82
N GLY D 154 11.87 2.47 -3.38
CA GLY D 154 10.69 2.79 -4.17
C GLY D 154 10.30 4.22 -3.88
N ALA D 155 9.40 4.81 -4.66
CA ALA D 155 9.00 6.19 -4.44
C ALA D 155 7.48 6.45 -4.32
N TYR D 156 7.11 7.44 -3.50
CA TYR D 156 5.69 7.85 -3.39
C TYR D 156 5.57 9.03 -4.38
N TYR D 157 4.46 9.08 -5.10
CA TYR D 157 4.24 10.20 -6.03
C TYR D 157 2.81 10.71 -6.07
N THR D 158 2.66 11.95 -6.55
CA THR D 158 1.37 12.61 -6.64
C THR D 158 1.47 13.74 -7.67
N ALA D 159 0.33 14.34 -8.02
CA ALA D 159 0.30 15.39 -9.03
C ALA D 159 1.03 16.64 -8.58
N LYS D 160 1.57 17.40 -9.55
CA LYS D 160 2.22 18.65 -9.22
C LYS D 160 1.09 19.67 -9.03
C1 GYP E . 0.41 -2.31 -24.18
C2 GYP E . 0.24 -1.20 -23.09
C3 GYP E . 1.55 -1.06 -22.29
C4 GYP E . 1.86 -2.42 -21.62
C5 GYP E . 2.02 -3.47 -22.76
C6 GYP E . 2.33 -4.83 -22.16
C7 GYP E . 1.54 -2.95 -26.15
O1 GYP E . 1.42 -1.92 -25.14
O2 GYP E . -0.09 0.04 -23.72
O3 GYP E . 1.39 -0.05 -21.28
O4 GYP E . 3.07 -2.31 -20.88
O5 GYP E . 0.77 -3.59 -23.54
O6 GYP E . 1.64 -5.75 -21.34
C1 GYP F . -17.03 -13.21 11.39
C2 GYP F . -15.49 -12.95 11.40
C3 GYP F . -15.20 -11.54 11.94
C4 GYP F . -15.90 -10.52 11.03
C5 GYP F . -17.43 -10.82 11.05
C6 GYP F . -18.15 -9.84 10.14
C7 GYP F . -18.97 -13.54 12.67
O1 GYP F . -17.56 -13.25 12.74
O2 GYP F . -14.85 -13.93 12.23
O3 GYP F . -13.79 -11.30 11.93
O4 GYP F . -15.65 -9.19 11.51
O5 GYP F . -17.69 -12.18 10.57
O6 GYP F . -17.90 -9.54 8.76
CD CD G . -14.93 -4.96 13.21
C1 GYP H . -5.12 23.00 5.85
C2 GYP H . -5.11 21.97 4.69
C3 GYP H . -6.30 21.00 4.84
C4 GYP H . -6.14 20.25 6.19
C5 GYP H . -6.17 21.31 7.32
C6 GYP H . -6.01 20.60 8.67
C7 GYP H . -6.22 24.82 6.88
O1 GYP H . -6.29 23.87 5.80
O2 GYP H . -5.21 22.70 3.45
O3 GYP H . -6.28 20.05 3.77
O4 GYP H . -7.23 19.33 6.38
O5 GYP H . -5.04 22.27 7.13
O6 GYP H . -4.73 19.99 8.87
CD CD I . -10.70 16.52 6.56
C1 GYP J . 22.01 -7.38 7.25
C2 GYP J . 20.51 -7.78 7.34
C3 GYP J . 20.04 -8.34 5.99
C4 GYP J . 20.23 -7.23 4.93
C5 GYP J . 21.74 -6.84 4.89
C6 GYP J . 21.95 -5.73 3.85
C7 GYP J . 24.21 -8.14 6.94
O1 GYP J . 22.83 -8.55 6.99
O2 GYP J . 20.35 -8.77 8.36
O3 GYP J . 18.64 -8.70 6.04
O4 GYP J . 19.81 -7.71 3.64
O5 GYP J . 22.19 -6.36 6.19
O6 GYP J . 21.38 -4.46 4.15
CD CD K . 18.52 -9.22 -0.48
#